data_3KUX
#
_entry.id   3KUX
#
_cell.length_a   97.55
_cell.length_b   97.55
_cell.length_c   172.51
_cell.angle_alpha   90.0
_cell.angle_beta   90.0
_cell.angle_gamma   120.0
#
_symmetry.space_group_name_H-M   'P 65 2 2'
#
loop_
_entity.id
_entity.type
_entity.pdbx_description
1 polymer 'Putative oxidoreductase'
2 non-polymer 'CHLORIDE ION'
3 water water
#
_entity_poly.entity_id   1
_entity_poly.type   'polypeptide(L)'
_entity_poly.pdbx_seq_one_letter_code
;SNA(MSE)ADKIKVGLLGYGYASKTFHAPLI(MSE)GTPGLELAGVSSSDASKVHADWPAIPVVSDPQ(MSE)LFNDPSI
DLIVIPTPNDTHFPLAQSALAAGKHVVVDKPFTVTLSQANALKEHADDAGLLLSVFHNRRWDSDFLTLKTLLAEGSLGNV
VYFESHFDRYRPEIRQRWREQAGAGGGIWYDLGPHLLDQALQLFGLPETLNVDLG(MSE)LRPGSQSVDYFHAVLSYPGQ
RVVLHSTVLAAAETARYIVHGTQGSYIKFGVDPQEDRLKAGERLPQADWGYD(MSE)RDGIVTLSHDNVLTEKPLLTLPG
NYPAYYAGIRDAIWGTAPNPVPATEAIKV(MSE)ELIELGIASDQQKKALPIIAKN
;
_entity_poly.pdbx_strand_id   A
#
loop_
_chem_comp.id
_chem_comp.type
_chem_comp.name
_chem_comp.formula
CL non-polymer 'CHLORIDE ION' 'Cl -1'
#
# COMPACT_ATOMS: atom_id res chain seq x y z
N SER A 1 -14.19 1.79 22.85
CA SER A 1 -14.99 0.53 22.95
C SER A 1 -14.07 -0.69 23.05
N ASN A 2 -14.66 -1.85 23.34
CA ASN A 2 -13.89 -3.08 23.55
C ASN A 2 -13.73 -3.97 22.34
N ALA A 3 -12.47 -4.33 22.05
CA ALA A 3 -12.16 -5.31 21.00
C ALA A 3 -12.30 -6.71 21.58
N MSE A 4 -12.77 -6.75 22.83
CA MSE A 4 -13.02 -8.01 23.51
C MSE A 4 -14.52 -8.23 23.59
O MSE A 4 -15.01 -9.34 23.40
CB MSE A 4 -12.41 -7.98 24.91
CG MSE A 4 -11.85 -9.31 25.38
SE MSE A 4 -10.17 -9.77 24.49
CE MSE A 4 -9.96 -11.59 25.17
N ALA A 5 -15.26 -7.16 23.87
CA ALA A 5 -16.70 -7.25 24.06
C ALA A 5 -17.52 -6.40 23.08
N ASP A 6 -16.86 -5.74 22.14
CA ASP A 6 -17.56 -4.90 21.18
C ASP A 6 -17.06 -5.14 19.75
N LYS A 7 -17.96 -4.98 18.78
CA LYS A 7 -17.63 -5.26 17.39
C LYS A 7 -18.05 -4.13 16.45
N ILE A 8 -17.21 -3.87 15.47
CA ILE A 8 -17.50 -2.95 14.38
C ILE A 8 -17.91 -3.77 13.18
N LYS A 9 -19.16 -3.65 12.76
CA LYS A 9 -19.64 -4.43 11.63
C LYS A 9 -19.17 -3.81 10.32
N VAL A 10 -18.63 -4.66 9.44
CA VAL A 10 -18.02 -4.17 8.21
C VAL A 10 -18.73 -4.67 6.95
N GLY A 11 -18.79 -3.83 5.94
CA GLY A 11 -19.33 -4.20 4.63
C GLY A 11 -18.26 -4.15 3.55
N LEU A 12 -18.00 -5.30 2.94
CA LEU A 12 -17.01 -5.40 1.87
C LEU A 12 -17.68 -5.32 0.51
N LEU A 13 -17.06 -4.61 -0.43
CA LEU A 13 -17.65 -4.40 -1.74
C LEU A 13 -17.02 -5.26 -2.84
N GLY A 14 -17.75 -6.29 -3.26
CA GLY A 14 -17.28 -7.18 -4.32
C GLY A 14 -16.32 -8.24 -3.80
N TYR A 15 -16.03 -9.23 -4.64
CA TYR A 15 -15.07 -10.27 -4.27
C TYR A 15 -13.94 -10.39 -5.30
N GLY A 16 -13.32 -9.26 -5.61
CA GLY A 16 -12.20 -9.24 -6.53
C GLY A 16 -10.97 -9.87 -5.90
N TYR A 17 -9.85 -9.80 -6.62
CA TYR A 17 -8.59 -10.33 -6.13
C TYR A 17 -8.21 -9.71 -4.78
N ALA A 18 -8.55 -8.44 -4.61
CA ALA A 18 -8.20 -7.73 -3.38
C ALA A 18 -9.06 -8.16 -2.18
N SER A 19 -10.37 -8.28 -2.39
CA SER A 19 -11.27 -8.69 -1.31
C SER A 19 -10.95 -10.10 -0.84
N LYS A 20 -10.74 -10.96 -1.81
CA LYS A 20 -10.40 -12.36 -1.60
C LYS A 20 -9.06 -12.49 -0.89
N THR A 21 -8.07 -11.74 -1.35
CA THR A 21 -6.70 -11.91 -0.91
C THR A 21 -6.36 -11.13 0.37
N PHE A 22 -6.80 -9.89 0.44
CA PHE A 22 -6.42 -9.03 1.55
C PHE A 22 -7.57 -8.74 2.51
N HIS A 23 -8.56 -8.01 2.02
CA HIS A 23 -9.58 -7.44 2.89
C HIS A 23 -10.38 -8.46 3.72
N ALA A 24 -10.90 -9.48 3.07
CA ALA A 24 -11.65 -10.50 3.80
C ALA A 24 -10.78 -11.14 4.88
N PRO A 25 -9.71 -11.84 4.46
CA PRO A 25 -8.86 -12.56 5.40
C PRO A 25 -8.37 -11.67 6.53
N LEU A 26 -8.05 -10.41 6.24
CA LEU A 26 -7.46 -9.50 7.21
C LEU A 26 -8.47 -8.91 8.20
N ILE A 27 -9.65 -8.55 7.69
CA ILE A 27 -10.75 -8.11 8.54
C ILE A 27 -11.20 -9.26 9.42
N MSE A 28 -11.34 -10.44 8.80
CA MSE A 28 -11.73 -11.64 9.51
C MSE A 28 -10.79 -11.90 10.68
O MSE A 28 -11.23 -12.28 11.77
CB MSE A 28 -11.71 -12.83 8.56
CG MSE A 28 -12.70 -13.92 8.92
SE MSE A 28 -14.56 -13.32 8.80
CE MSE A 28 -14.67 -12.28 10.45
N GLY A 29 -9.50 -11.68 10.47
CA GLY A 29 -8.48 -12.03 11.46
C GLY A 29 -8.27 -10.96 12.51
N THR A 30 -9.04 -9.88 12.41
CA THR A 30 -8.89 -8.74 13.30
C THR A 30 -9.99 -8.71 14.37
N PRO A 31 -9.61 -8.90 15.64
CA PRO A 31 -10.57 -8.82 16.74
C PRO A 31 -11.17 -7.42 16.80
N GLY A 32 -12.45 -7.33 17.09
CA GLY A 32 -13.14 -6.05 17.10
C GLY A 32 -13.83 -5.77 15.78
N LEU A 33 -13.38 -6.41 14.72
CA LEU A 33 -14.00 -6.26 13.41
C LEU A 33 -14.80 -7.50 13.02
N GLU A 34 -16.01 -7.28 12.50
CA GLU A 34 -16.89 -8.36 12.07
C GLU A 34 -17.38 -8.10 10.65
N LEU A 35 -16.95 -8.94 9.72
CA LEU A 35 -17.37 -8.82 8.33
C LEU A 35 -18.85 -9.19 8.20
N ALA A 36 -19.72 -8.21 8.39
CA ALA A 36 -21.15 -8.42 8.35
C ALA A 36 -21.62 -8.96 7.00
N GLY A 37 -21.23 -8.29 5.92
CA GLY A 37 -21.69 -8.68 4.60
C GLY A 37 -20.76 -8.34 3.45
N VAL A 38 -20.96 -9.01 2.32
CA VAL A 38 -20.18 -8.75 1.12
C VAL A 38 -21.13 -8.69 -0.07
N SER A 39 -20.97 -7.66 -0.91
CA SER A 39 -21.77 -7.54 -2.13
C SER A 39 -21.04 -8.20 -3.30
N SER A 40 -21.75 -9.05 -4.02
CA SER A 40 -21.12 -9.79 -5.11
C SER A 40 -22.12 -10.40 -6.10
N SER A 41 -21.66 -10.62 -7.33
CA SER A 41 -22.48 -11.25 -8.36
C SER A 41 -22.62 -12.76 -8.13
N ASP A 42 -21.49 -13.44 -7.97
CA ASP A 42 -21.50 -14.88 -7.70
C ASP A 42 -21.16 -15.18 -6.25
N ALA A 43 -22.20 -15.45 -5.46
CA ALA A 43 -22.02 -15.79 -4.06
C ALA A 43 -21.23 -17.09 -3.93
N SER A 44 -21.45 -18.01 -4.86
CA SER A 44 -20.76 -19.29 -4.86
C SER A 44 -19.24 -19.11 -4.82
N LYS A 45 -18.75 -18.09 -5.54
CA LYS A 45 -17.34 -17.75 -5.53
C LYS A 45 -16.90 -17.35 -4.13
N VAL A 46 -17.81 -16.70 -3.39
CA VAL A 46 -17.52 -16.26 -2.03
C VAL A 46 -17.54 -17.42 -1.06
N HIS A 47 -18.67 -18.12 -1.01
CA HIS A 47 -18.91 -19.18 -0.02
C HIS A 47 -17.78 -20.21 0.01
N ALA A 48 -17.23 -20.51 -1.17
CA ALA A 48 -16.11 -21.44 -1.27
C ALA A 48 -15.02 -21.09 -0.26
N ASP A 49 -15.04 -19.85 0.21
CA ASP A 49 -14.07 -19.37 1.19
C ASP A 49 -14.72 -18.99 2.51
N TRP A 50 -15.78 -18.19 2.45
CA TRP A 50 -16.32 -17.57 3.65
C TRP A 50 -17.85 -17.63 3.82
N PRO A 51 -18.37 -18.80 4.20
CA PRO A 51 -19.70 -18.89 4.78
C PRO A 51 -19.55 -19.16 6.28
N ALA A 52 -20.39 -18.56 7.10
CA ALA A 52 -21.47 -17.69 6.65
C ALA A 52 -21.07 -16.76 5.52
N ILE A 53 -21.92 -16.70 4.51
CA ILE A 53 -21.72 -15.85 3.35
C ILE A 53 -22.86 -14.85 3.25
N PRO A 54 -22.93 -13.90 4.20
CA PRO A 54 -24.00 -12.92 4.18
C PRO A 54 -23.86 -12.04 2.95
N VAL A 55 -23.95 -12.67 1.78
CA VAL A 55 -23.76 -12.00 0.50
C VAL A 55 -24.99 -11.24 0.05
N VAL A 56 -24.77 -10.05 -0.50
CA VAL A 56 -25.81 -9.29 -1.18
C VAL A 56 -25.34 -8.98 -2.59
N SER A 57 -26.28 -8.80 -3.52
CA SER A 57 -25.91 -8.60 -4.92
C SER A 57 -25.72 -7.14 -5.29
N ASP A 58 -25.98 -6.24 -4.33
CA ASP A 58 -25.90 -4.80 -4.59
C ASP A 58 -25.35 -4.01 -3.41
N PRO A 59 -24.23 -3.30 -3.62
CA PRO A 59 -23.57 -2.50 -2.59
C PRO A 59 -24.50 -1.54 -1.86
N GLN A 60 -25.50 -1.02 -2.57
CA GLN A 60 -26.41 -0.04 -1.97
C GLN A 60 -27.21 -0.62 -0.81
N MSE A 61 -27.31 -1.94 -0.76
CA MSE A 61 -28.00 -2.61 0.33
C MSE A 61 -27.17 -2.56 1.60
O MSE A 61 -27.71 -2.33 2.69
CB MSE A 61 -28.29 -4.06 -0.05
CG MSE A 61 -29.18 -4.19 -1.27
SE MSE A 61 -29.49 -6.05 -1.77
CE MSE A 61 -30.61 -5.74 -3.33
N LEU A 62 -25.87 -2.77 1.47
CA LEU A 62 -24.95 -2.59 2.58
C LEU A 62 -25.04 -1.16 3.09
N PHE A 63 -24.92 -0.20 2.17
CA PHE A 63 -25.12 1.21 2.51
C PHE A 63 -26.39 1.40 3.33
N ASN A 64 -27.44 0.64 2.98
CA ASN A 64 -28.70 0.73 3.70
C ASN A 64 -28.64 0.18 5.11
N ASP A 65 -28.11 -1.05 5.25
CA ASP A 65 -27.98 -1.68 6.55
C ASP A 65 -27.51 -0.68 7.60
N PRO A 66 -28.36 -0.38 8.58
CA PRO A 66 -28.15 0.68 9.56
C PRO A 66 -27.16 0.31 10.66
N SER A 67 -26.89 -0.98 10.82
CA SER A 67 -26.01 -1.44 11.88
C SER A 67 -24.56 -1.46 11.40
N ILE A 68 -24.39 -1.60 10.09
CA ILE A 68 -23.06 -1.58 9.49
C ILE A 68 -22.35 -0.27 9.80
N ASP A 69 -21.08 -0.38 10.18
CA ASP A 69 -20.30 0.77 10.61
C ASP A 69 -19.26 1.17 9.57
N LEU A 70 -18.66 0.18 8.91
CA LEU A 70 -17.54 0.43 8.01
C LEU A 70 -17.74 -0.18 6.62
N ILE A 71 -17.25 0.52 5.60
CA ILE A 71 -17.35 0.06 4.22
C ILE A 71 -15.98 0.08 3.55
N VAL A 72 -15.53 -1.06 3.03
CA VAL A 72 -14.26 -1.09 2.31
C VAL A 72 -14.52 -1.21 0.82
N ILE A 73 -13.78 -0.44 0.04
CA ILE A 73 -14.03 -0.34 -1.38
C ILE A 73 -12.79 -0.69 -2.19
N PRO A 74 -12.67 -1.96 -2.59
CA PRO A 74 -11.58 -2.46 -3.40
C PRO A 74 -12.03 -2.81 -4.82
N THR A 75 -13.13 -2.21 -5.27
CA THR A 75 -13.66 -2.49 -6.61
C THR A 75 -12.81 -1.82 -7.69
N PRO A 76 -13.30 -1.84 -8.94
CA PRO A 76 -12.61 -1.19 -10.06
C PRO A 76 -12.39 0.30 -9.82
N ASN A 77 -11.25 0.82 -10.29
CA ASN A 77 -10.82 2.18 -10.03
C ASN A 77 -11.89 3.26 -10.19
N ASP A 78 -12.70 3.15 -11.22
CA ASP A 78 -13.65 4.20 -11.57
C ASP A 78 -14.89 4.24 -10.66
N THR A 79 -15.17 3.13 -9.99
CA THR A 79 -16.34 3.06 -9.10
C THR A 79 -16.06 3.65 -7.73
N HIS A 80 -14.78 3.70 -7.35
CA HIS A 80 -14.37 4.17 -6.04
C HIS A 80 -15.11 5.42 -5.57
N PHE A 81 -15.08 6.48 -6.36
CA PHE A 81 -15.70 7.76 -5.98
C PHE A 81 -17.21 7.65 -5.76
N PRO A 82 -17.96 7.23 -6.79
CA PRO A 82 -19.38 7.00 -6.58
C PRO A 82 -19.63 6.23 -5.29
N LEU A 83 -19.16 4.99 -5.23
CA LEU A 83 -19.37 4.14 -4.06
C LEU A 83 -18.94 4.84 -2.78
N ALA A 84 -17.76 5.45 -2.80
CA ALA A 84 -17.26 6.20 -1.66
C ALA A 84 -18.25 7.28 -1.21
N GLN A 85 -18.69 8.11 -2.16
CA GLN A 85 -19.67 9.15 -1.85
C GLN A 85 -20.92 8.53 -1.22
N SER A 86 -21.52 7.59 -1.93
CA SER A 86 -22.71 6.91 -1.43
C SER A 86 -22.50 6.45 0.01
N ALA A 87 -21.31 5.92 0.29
CA ALA A 87 -21.00 5.39 1.61
C ALA A 87 -20.95 6.47 2.68
N LEU A 88 -20.23 7.54 2.39
CA LEU A 88 -20.14 8.67 3.32
C LEU A 88 -21.51 9.30 3.51
N ALA A 89 -22.31 9.33 2.45
CA ALA A 89 -23.67 9.84 2.54
C ALA A 89 -24.47 9.00 3.51
N ALA A 90 -24.34 7.69 3.39
CA ALA A 90 -25.02 6.75 4.28
C ALA A 90 -24.48 6.81 5.71
N GLY A 91 -23.57 7.75 5.95
CA GLY A 91 -23.00 7.94 7.28
C GLY A 91 -22.08 6.82 7.74
N LYS A 92 -21.35 6.21 6.81
CA LYS A 92 -20.50 5.09 7.16
C LYS A 92 -19.02 5.37 6.94
N HIS A 93 -18.18 4.82 7.82
CA HIS A 93 -16.73 4.95 7.68
C HIS A 93 -16.27 4.23 6.42
N VAL A 94 -15.13 4.65 5.87
CA VAL A 94 -14.68 4.12 4.59
C VAL A 94 -13.20 3.86 4.45
N VAL A 95 -12.87 2.64 4.04
CA VAL A 95 -11.51 2.30 3.61
C VAL A 95 -11.51 2.04 2.11
N VAL A 96 -10.78 2.86 1.37
CA VAL A 96 -10.64 2.70 -0.07
C VAL A 96 -9.29 2.09 -0.45
N ASP A 97 -9.29 1.14 -1.38
CA ASP A 97 -8.05 0.54 -1.84
C ASP A 97 -7.42 1.43 -2.90
N LYS A 98 -6.22 1.04 -3.37
CA LYS A 98 -5.52 1.81 -4.39
C LYS A 98 -5.92 1.34 -5.79
N PRO A 99 -5.91 2.24 -6.77
CA PRO A 99 -5.58 3.65 -6.57
C PRO A 99 -6.74 4.37 -5.89
N PHE A 100 -6.42 5.33 -5.02
CA PHE A 100 -7.47 6.00 -4.26
C PHE A 100 -8.64 6.39 -5.15
N THR A 101 -8.37 7.24 -6.15
CA THR A 101 -9.40 7.79 -7.01
C THR A 101 -8.86 8.07 -8.40
N VAL A 102 -9.77 8.29 -9.36
CA VAL A 102 -9.37 8.54 -10.73
C VAL A 102 -8.89 9.97 -10.89
N THR A 103 -9.31 10.83 -9.98
CA THR A 103 -9.05 12.27 -10.08
C THR A 103 -8.69 12.87 -8.72
N LEU A 104 -7.82 13.86 -8.72
CA LEU A 104 -7.51 14.57 -7.49
C LEU A 104 -8.74 15.32 -6.99
N SER A 105 -9.47 15.92 -7.92
CA SER A 105 -10.70 16.63 -7.60
C SER A 105 -11.63 15.73 -6.80
N GLN A 106 -11.70 14.46 -7.19
CA GLN A 106 -12.52 13.47 -6.50
C GLN A 106 -11.97 13.18 -5.10
N ALA A 107 -10.69 12.83 -5.03
CA ALA A 107 -10.04 12.48 -3.77
C ALA A 107 -10.30 13.52 -2.69
N ASN A 108 -10.02 14.77 -3.03
CA ASN A 108 -10.22 15.88 -2.11
C ASN A 108 -11.69 16.04 -1.69
N ALA A 109 -12.59 15.82 -2.64
CA ALA A 109 -14.01 15.90 -2.36
C ALA A 109 -14.37 14.93 -1.23
N LEU A 110 -13.90 13.69 -1.36
CA LEU A 110 -14.12 12.68 -0.33
C LEU A 110 -13.47 13.09 1.00
N LYS A 111 -12.25 13.62 0.91
CA LYS A 111 -11.52 14.11 2.07
C LYS A 111 -12.34 15.15 2.83
N GLU A 112 -13.07 15.99 2.10
CA GLU A 112 -13.89 17.04 2.70
C GLU A 112 -15.24 16.49 3.17
N HIS A 113 -15.94 15.83 2.26
CA HIS A 113 -17.25 15.26 2.57
C HIS A 113 -17.14 14.37 3.82
N ALA A 114 -16.06 13.60 3.90
CA ALA A 114 -15.83 12.69 5.02
C ALA A 114 -15.44 13.45 6.29
N ASP A 115 -14.87 14.63 6.11
CA ASP A 115 -14.41 15.41 7.25
C ASP A 115 -15.55 16.22 7.85
N ASP A 116 -16.46 16.67 7.00
CA ASP A 116 -17.62 17.42 7.46
C ASP A 116 -18.62 16.50 8.16
N ALA A 117 -18.68 15.25 7.69
CA ALA A 117 -19.63 14.28 8.23
C ALA A 117 -19.07 13.51 9.43
N GLY A 118 -17.90 13.93 9.91
CA GLY A 118 -17.27 13.30 11.07
C GLY A 118 -17.01 11.81 10.92
N LEU A 119 -16.80 11.37 9.68
CA LEU A 119 -16.56 9.96 9.39
C LEU A 119 -15.08 9.74 9.10
N LEU A 120 -14.62 8.51 9.31
CA LEU A 120 -13.23 8.18 9.02
C LEU A 120 -13.09 7.73 7.57
N LEU A 121 -12.12 8.33 6.88
CA LEU A 121 -11.78 7.94 5.52
C LEU A 121 -10.30 7.60 5.49
N SER A 122 -9.97 6.42 4.94
CA SER A 122 -8.59 5.96 4.90
C SER A 122 -8.29 5.12 3.65
N VAL A 123 -7.03 5.09 3.24
CA VAL A 123 -6.61 4.33 2.07
C VAL A 123 -5.68 3.18 2.46
N PHE A 124 -5.75 2.09 1.68
CA PHE A 124 -5.07 0.87 2.03
C PHE A 124 -3.62 0.82 1.54
N HIS A 125 -2.76 1.62 2.16
CA HIS A 125 -1.32 1.50 1.93
C HIS A 125 -0.75 0.44 2.86
N ASN A 126 -1.07 -0.82 2.57
CA ASN A 126 -0.67 -1.94 3.43
C ASN A 126 0.83 -2.13 3.53
N ARG A 127 1.58 -1.69 2.53
CA ARG A 127 3.01 -1.96 2.51
C ARG A 127 3.80 -1.12 3.50
N ARG A 128 3.13 -0.24 4.23
CA ARG A 128 3.75 0.42 5.37
C ARG A 128 4.02 -0.64 6.42
N TRP A 129 3.56 -1.86 6.15
CA TRP A 129 3.69 -2.96 7.09
C TRP A 129 4.37 -4.19 6.50
N ASP A 130 5.07 -3.99 5.39
CA ASP A 130 5.95 -5.00 4.82
C ASP A 130 7.10 -5.27 5.77
N SER A 131 7.55 -6.51 5.80
CA SER A 131 8.66 -6.89 6.68
C SER A 131 9.88 -6.00 6.45
N ASP A 132 10.26 -5.79 5.20
CA ASP A 132 11.46 -5.04 4.93
C ASP A 132 11.34 -3.58 5.39
N PHE A 133 10.20 -2.96 5.11
CA PHE A 133 9.99 -1.57 5.46
C PHE A 133 10.02 -1.34 6.98
N LEU A 134 9.28 -2.16 7.73
CA LEU A 134 9.30 -2.06 9.18
C LEU A 134 10.74 -2.11 9.66
N THR A 135 11.46 -3.13 9.23
CA THR A 135 12.85 -3.33 9.64
C THR A 135 13.66 -2.07 9.41
N LEU A 136 13.48 -1.50 8.22
CA LEU A 136 14.20 -0.29 7.82
C LEU A 136 13.89 0.91 8.72
N LYS A 137 12.60 1.19 8.92
CA LYS A 137 12.19 2.28 9.83
C LYS A 137 12.95 2.20 11.15
N THR A 138 13.06 0.99 11.68
CA THR A 138 13.74 0.77 12.95
C THR A 138 15.24 1.00 12.85
N LEU A 139 15.84 0.62 11.73
CA LEU A 139 17.27 0.82 11.52
C LEU A 139 17.63 2.30 11.46
N LEU A 140 16.80 3.10 10.80
CA LEU A 140 17.04 4.53 10.68
C LEU A 140 16.84 5.20 12.03
N ALA A 141 15.84 4.72 12.76
CA ALA A 141 15.51 5.31 14.05
C ALA A 141 16.68 5.17 15.02
N GLU A 142 17.43 4.10 14.87
CA GLU A 142 18.55 3.84 15.77
C GLU A 142 19.84 4.54 15.33
N GLY A 143 19.93 4.87 14.05
CA GLY A 143 20.98 5.77 13.58
C GLY A 143 22.35 5.19 13.29
N SER A 144 22.48 3.86 13.26
CA SER A 144 23.79 3.26 12.98
C SER A 144 24.35 3.57 11.59
N LEU A 145 23.49 3.76 10.59
CA LEU A 145 23.96 4.11 9.24
C LEU A 145 24.48 5.54 9.16
N GLY A 146 24.24 6.31 10.23
CA GLY A 146 24.63 7.71 10.27
C GLY A 146 23.60 8.57 9.56
N ASN A 147 24.06 9.64 8.92
CA ASN A 147 23.17 10.43 8.07
C ASN A 147 22.94 9.71 6.74
N VAL A 148 21.67 9.39 6.47
CA VAL A 148 21.31 8.71 5.23
C VAL A 148 21.39 9.67 4.04
N VAL A 149 22.06 9.24 2.98
CA VAL A 149 22.21 10.09 1.78
C VAL A 149 21.63 9.46 0.52
N TYR A 150 21.26 8.19 0.59
CA TYR A 150 20.79 7.47 -0.59
C TYR A 150 19.80 6.39 -0.23
N PHE A 151 18.69 6.33 -0.97
CA PHE A 151 17.71 5.27 -0.76
C PHE A 151 17.23 4.71 -2.09
N GLU A 152 17.44 3.41 -2.30
CA GLU A 152 17.04 2.77 -3.54
C GLU A 152 16.07 1.62 -3.28
N SER A 153 14.94 1.67 -3.95
CA SER A 153 13.85 0.73 -3.72
C SER A 153 13.35 0.17 -5.05
N HIS A 154 13.44 -1.15 -5.22
CA HIS A 154 13.03 -1.82 -6.46
C HIS A 154 11.88 -2.82 -6.26
N PHE A 155 11.08 -2.98 -7.32
CA PHE A 155 10.22 -4.15 -7.46
C PHE A 155 10.44 -4.75 -8.85
N ASP A 156 11.61 -5.34 -9.05
CA ASP A 156 11.98 -5.89 -10.35
C ASP A 156 11.47 -7.32 -10.47
N ARG A 157 10.84 -7.62 -11.60
CA ARG A 157 10.27 -8.94 -11.82
C ARG A 157 10.65 -9.49 -13.18
N TYR A 158 10.48 -10.79 -13.34
CA TYR A 158 10.65 -11.41 -14.63
C TYR A 158 9.35 -12.06 -15.09
N ARG A 159 8.56 -11.31 -15.85
CA ARG A 159 7.45 -11.91 -16.59
C ARG A 159 7.47 -11.43 -18.03
N PRO A 160 8.19 -12.16 -18.90
CA PRO A 160 8.34 -11.84 -20.30
C PRO A 160 7.05 -12.11 -21.08
N GLU A 161 6.21 -12.99 -20.54
CA GLU A 161 4.94 -13.34 -21.16
C GLU A 161 3.87 -12.31 -20.87
N ILE A 162 3.24 -11.77 -21.92
CA ILE A 162 2.24 -10.73 -21.78
C ILE A 162 0.86 -11.22 -21.47
N ARG A 163 0.64 -11.84 -20.36
CA ARG A 163 -0.69 -12.18 -19.90
C ARG A 163 -1.11 -11.90 -18.46
N GLN A 164 -0.33 -11.10 -17.75
CA GLN A 164 -0.50 -10.90 -16.32
C GLN A 164 -1.67 -9.98 -15.94
N ARG A 165 -1.47 -8.68 -16.13
CA ARG A 165 -2.38 -7.66 -15.61
C ARG A 165 -3.36 -7.08 -16.65
N TRP A 166 -4.54 -7.68 -16.73
CA TRP A 166 -5.65 -7.11 -17.49
C TRP A 166 -6.50 -6.29 -16.52
N ARG A 167 -6.90 -5.08 -16.91
CA ARG A 167 -6.63 -4.55 -18.24
C ARG A 167 -5.84 -3.24 -18.16
N GLU A 168 -4.80 -3.13 -19.00
CA GLU A 168 -3.96 -1.93 -19.07
C GLU A 168 -3.32 -1.54 -17.74
N GLN A 169 -3.55 -0.30 -17.30
CA GLN A 169 -2.98 0.21 -16.06
C GLN A 169 -3.28 -0.70 -14.87
N GLY A 173 -3.52 3.28 -20.08
CA GLY A 173 -2.11 3.71 -20.18
C GLY A 173 -1.25 3.12 -19.07
N GLY A 174 -1.75 3.22 -17.84
CA GLY A 174 -1.09 2.63 -16.68
C GLY A 174 0.34 3.07 -16.46
N GLY A 175 1.22 2.10 -16.27
CA GLY A 175 0.80 0.70 -16.27
C GLY A 175 1.19 0.09 -14.95
N ILE A 176 2.49 -0.08 -14.74
CA ILE A 176 3.00 -0.54 -13.47
C ILE A 176 3.39 0.64 -12.61
N TRP A 177 3.47 1.82 -13.23
CA TRP A 177 3.71 3.04 -12.49
C TRP A 177 2.47 3.35 -11.66
N TYR A 178 1.30 3.08 -12.22
CA TYR A 178 0.04 3.25 -11.50
C TYR A 178 -0.16 2.12 -10.50
N ASP A 179 0.36 0.94 -10.81
CA ASP A 179 0.17 -0.23 -9.97
C ASP A 179 1.15 -0.31 -8.80
N LEU A 180 2.41 0.05 -9.02
CA LEU A 180 3.43 -0.10 -8.00
C LEU A 180 3.97 1.24 -7.50
N GLY A 181 3.93 2.26 -8.35
CA GLY A 181 4.36 3.58 -7.93
C GLY A 181 3.85 3.98 -6.55
N PRO A 182 2.53 3.89 -6.34
CA PRO A 182 1.95 4.34 -5.08
C PRO A 182 2.60 3.69 -3.86
N HIS A 183 2.87 2.39 -3.94
CA HIS A 183 3.49 1.70 -2.82
C HIS A 183 4.85 2.30 -2.48
N LEU A 184 5.68 2.45 -3.51
CA LEU A 184 7.04 2.93 -3.34
C LEU A 184 7.08 4.39 -2.93
N LEU A 185 6.34 5.24 -3.65
CA LEU A 185 6.27 6.65 -3.32
C LEU A 185 5.85 6.87 -1.87
N ASP A 186 4.85 6.13 -1.42
CA ASP A 186 4.34 6.31 -0.07
C ASP A 186 5.42 6.03 0.97
N GLN A 187 6.18 4.95 0.75
CA GLN A 187 7.29 4.62 1.65
C GLN A 187 8.35 5.73 1.69
N ALA A 188 8.70 6.23 0.52
CA ALA A 188 9.68 7.31 0.41
C ALA A 188 9.24 8.54 1.20
N LEU A 189 7.97 8.89 1.06
CA LEU A 189 7.41 10.01 1.81
C LEU A 189 7.45 9.74 3.31
N GLN A 190 7.07 8.53 3.71
CA GLN A 190 7.07 8.16 5.11
C GLN A 190 8.45 8.24 5.75
N LEU A 191 9.47 7.87 4.99
CA LEU A 191 10.84 7.87 5.49
C LEU A 191 11.51 9.24 5.45
N PHE A 192 11.33 9.97 4.34
CA PHE A 192 12.10 11.19 4.11
C PHE A 192 11.26 12.45 3.89
N GLY A 193 9.95 12.32 3.91
CA GLY A 193 9.08 13.45 3.60
C GLY A 193 9.11 13.80 2.12
N LEU A 194 8.72 15.02 1.79
CA LEU A 194 8.60 15.45 0.40
C LEU A 194 9.94 15.82 -0.20
N PRO A 195 10.17 15.43 -1.45
CA PRO A 195 11.38 15.81 -2.16
C PRO A 195 11.27 17.23 -2.68
N GLU A 196 12.33 17.74 -3.30
CA GLU A 196 12.27 19.04 -3.96
C GLU A 196 11.84 18.88 -5.41
N THR A 197 12.38 17.86 -6.07
CA THR A 197 11.98 17.54 -7.44
C THR A 197 11.73 16.05 -7.62
N LEU A 198 10.84 15.72 -8.54
CA LEU A 198 10.59 14.34 -8.95
C LEU A 198 10.88 14.18 -10.43
N ASN A 199 11.77 13.25 -10.77
CA ASN A 199 12.10 12.98 -12.17
C ASN A 199 11.80 11.54 -12.54
N VAL A 200 10.83 11.33 -13.41
CA VAL A 200 10.40 9.96 -13.72
C VAL A 200 10.61 9.58 -15.18
N ASP A 201 11.12 8.38 -15.38
CA ASP A 201 11.33 7.86 -16.72
C ASP A 201 10.49 6.61 -16.89
N LEU A 202 9.38 6.73 -17.62
CA LEU A 202 8.50 5.58 -17.88
C LEU A 202 8.97 4.85 -19.14
N GLY A 203 8.71 3.56 -19.21
CA GLY A 203 9.15 2.79 -20.36
C GLY A 203 8.31 1.58 -20.70
N MSE A 204 8.47 1.11 -21.94
CA MSE A 204 7.92 -0.16 -22.36
C MSE A 204 9.03 -0.97 -23.02
O MSE A 204 9.33 -0.81 -24.20
CB MSE A 204 6.77 0.03 -23.33
CG MSE A 204 5.47 0.39 -22.63
SE MSE A 204 3.96 0.41 -23.85
CE MSE A 204 4.49 -1.09 -24.99
N LEU A 205 9.65 -1.83 -22.22
CA LEU A 205 10.83 -2.57 -22.65
C LEU A 205 10.50 -3.98 -23.11
N ARG A 206 9.34 -4.48 -22.70
CA ARG A 206 8.90 -5.81 -23.12
C ARG A 206 8.12 -5.77 -24.42
N PRO A 207 8.62 -6.47 -25.46
CA PRO A 207 7.86 -6.61 -26.71
C PRO A 207 6.50 -7.22 -26.42
N GLY A 208 5.44 -6.54 -26.84
CA GLY A 208 4.08 -7.04 -26.60
C GLY A 208 3.38 -6.35 -25.44
N SER A 209 4.13 -5.60 -24.64
CA SER A 209 3.52 -4.81 -23.56
C SER A 209 2.50 -3.84 -24.13
N GLN A 210 1.42 -3.62 -23.40
CA GLN A 210 0.39 -2.67 -23.82
C GLN A 210 0.41 -1.41 -22.96
N SER A 211 0.95 -1.54 -21.76
CA SER A 211 1.05 -0.43 -20.82
C SER A 211 2.49 -0.26 -20.38
N VAL A 212 2.74 0.78 -19.59
CA VAL A 212 4.07 0.98 -19.04
C VAL A 212 4.51 -0.29 -18.32
N ASP A 213 5.71 -0.77 -18.63
CA ASP A 213 6.23 -1.99 -18.02
C ASP A 213 7.59 -1.74 -17.40
N TYR A 214 7.93 -0.46 -17.24
CA TYR A 214 9.21 -0.05 -16.68
C TYR A 214 9.11 1.37 -16.15
N PHE A 215 9.70 1.62 -14.98
CA PHE A 215 9.79 2.99 -14.49
C PHE A 215 10.98 3.18 -13.55
N HIS A 216 11.62 4.35 -13.68
CA HIS A 216 12.80 4.69 -12.90
C HIS A 216 12.63 6.12 -12.39
N ALA A 217 12.34 6.26 -11.09
CA ALA A 217 12.04 7.57 -10.52
C ALA A 217 13.14 8.04 -9.60
N VAL A 218 13.51 9.31 -9.73
CA VAL A 218 14.49 9.92 -8.84
C VAL A 218 13.85 11.07 -8.07
N LEU A 219 13.81 10.95 -6.74
CA LEU A 219 13.33 12.03 -5.87
C LEU A 219 14.52 12.71 -5.23
N SER A 220 14.58 14.03 -5.38
CA SER A 220 15.75 14.79 -4.96
C SER A 220 15.54 15.61 -3.67
N TYR A 221 16.47 15.45 -2.74
CA TYR A 221 16.45 16.20 -1.47
C TYR A 221 17.79 16.90 -1.24
N PRO A 222 17.80 17.97 -0.44
CA PRO A 222 19.06 18.53 -0.01
C PRO A 222 19.96 17.45 0.58
N GLY A 223 21.05 17.13 -0.11
CA GLY A 223 22.01 16.15 0.40
C GLY A 223 21.49 14.73 0.44
N GLN A 224 20.44 14.45 -0.31
CA GLN A 224 19.88 13.10 -0.39
C GLN A 224 19.34 12.76 -1.77
N ARG A 225 19.40 11.47 -2.13
CA ARG A 225 18.73 10.99 -3.35
C ARG A 225 17.92 9.72 -3.04
N VAL A 226 16.73 9.63 -3.63
CA VAL A 226 15.89 8.45 -3.51
C VAL A 226 15.58 7.90 -4.90
N VAL A 227 15.89 6.63 -5.13
CA VAL A 227 15.61 6.02 -6.43
C VAL A 227 14.58 4.91 -6.32
N LEU A 228 13.45 5.09 -7.00
CA LEU A 228 12.40 4.08 -7.02
C LEU A 228 12.37 3.47 -8.42
N HIS A 229 12.35 2.14 -8.49
CA HIS A 229 12.53 1.47 -9.76
C HIS A 229 11.71 0.18 -9.87
N SER A 230 11.13 -0.07 -11.04
CA SER A 230 10.47 -1.34 -11.28
C SER A 230 10.61 -1.79 -12.74
N THR A 231 10.41 -3.08 -12.99
CA THR A 231 10.55 -3.63 -14.33
C THR A 231 9.98 -5.05 -14.40
N VAL A 232 9.56 -5.48 -15.59
CA VAL A 232 9.06 -6.84 -15.79
C VAL A 232 10.05 -7.72 -16.53
N LEU A 233 11.22 -7.16 -16.84
CA LEU A 233 12.27 -7.92 -17.51
C LEU A 233 13.55 -7.91 -16.68
N ALA A 234 13.51 -8.63 -15.56
CA ALA A 234 14.68 -8.79 -14.70
C ALA A 234 14.78 -10.24 -14.26
N ALA A 235 15.37 -11.07 -15.10
CA ALA A 235 15.53 -12.49 -14.81
C ALA A 235 16.25 -12.70 -13.48
N ALA A 236 17.32 -11.94 -13.25
CA ALA A 236 18.08 -12.04 -12.02
C ALA A 236 17.47 -11.21 -10.90
N GLU A 237 17.40 -11.80 -9.71
CA GLU A 237 16.88 -11.12 -8.55
C GLU A 237 17.77 -9.93 -8.21
N THR A 238 17.18 -8.75 -8.01
CA THR A 238 17.93 -7.58 -7.56
C THR A 238 17.46 -7.13 -6.20
N ALA A 239 18.24 -6.27 -5.56
CA ALA A 239 17.97 -5.83 -4.19
C ALA A 239 16.61 -5.17 -4.07
N ARG A 240 15.93 -5.40 -2.94
CA ARG A 240 14.69 -4.70 -2.65
C ARG A 240 15.04 -3.29 -2.20
N TYR A 241 15.90 -3.19 -1.19
CA TYR A 241 16.40 -1.91 -0.70
C TYR A 241 17.91 -1.84 -0.76
N ILE A 242 18.42 -0.67 -1.11
CA ILE A 242 19.83 -0.33 -0.97
C ILE A 242 19.90 1.02 -0.29
N VAL A 243 20.50 1.08 0.89
CA VAL A 243 20.51 2.31 1.67
C VAL A 243 21.92 2.68 2.11
N HIS A 244 22.38 3.86 1.72
CA HIS A 244 23.72 4.31 2.10
C HIS A 244 23.68 5.47 3.09
N GLY A 245 24.44 5.35 4.17
CA GLY A 245 24.57 6.44 5.12
C GLY A 245 26.02 6.85 5.20
N THR A 246 26.32 7.89 5.98
CA THR A 246 27.69 8.34 6.15
C THR A 246 28.52 7.36 6.97
N GLN A 247 27.86 6.40 7.61
CA GLN A 247 28.56 5.49 8.51
C GLN A 247 28.36 4.04 8.12
N GLY A 248 27.43 3.77 7.21
CA GLY A 248 27.18 2.40 6.80
C GLY A 248 26.11 2.25 5.74
N SER A 249 25.75 0.99 5.46
CA SER A 249 24.79 0.70 4.43
C SER A 249 23.91 -0.49 4.82
N TYR A 250 22.77 -0.60 4.16
CA TYR A 250 21.86 -1.72 4.34
C TYR A 250 21.37 -2.19 2.97
N ILE A 251 21.64 -3.45 2.66
CA ILE A 251 21.09 -4.05 1.44
C ILE A 251 20.17 -5.20 1.81
N LYS A 252 18.93 -5.18 1.30
CA LYS A 252 18.01 -6.29 1.54
C LYS A 252 17.43 -6.88 0.26
N PHE A 253 17.34 -8.21 0.22
CA PHE A 253 16.75 -8.93 -0.91
C PHE A 253 15.41 -9.59 -0.56
N GLY A 254 14.64 -9.93 -1.60
CA GLY A 254 13.33 -10.54 -1.44
C GLY A 254 12.21 -9.51 -1.36
N VAL A 255 10.97 -10.00 -1.41
CA VAL A 255 9.80 -9.17 -1.13
C VAL A 255 9.12 -9.64 0.15
N ASP A 256 8.18 -8.86 0.66
CA ASP A 256 7.43 -9.27 1.85
C ASP A 256 6.61 -10.52 1.53
N PRO A 257 6.56 -11.47 2.48
CA PRO A 257 6.01 -12.80 2.21
C PRO A 257 4.50 -12.98 2.45
N GLN A 258 3.81 -11.95 2.93
CA GLN A 258 2.41 -12.11 3.30
C GLN A 258 1.49 -12.36 2.10
N GLU A 259 1.68 -11.58 1.04
CA GLU A 259 0.77 -11.66 -0.10
C GLU A 259 0.61 -13.09 -0.61
N ASP A 260 1.71 -13.81 -0.78
CA ASP A 260 1.67 -15.18 -1.26
C ASP A 260 0.88 -16.09 -0.34
N ARG A 261 1.14 -15.97 0.97
CA ARG A 261 0.49 -16.84 1.95
C ARG A 261 -1.01 -16.55 2.05
N LEU A 262 -1.40 -15.30 1.82
CA LEU A 262 -2.81 -14.96 1.79
C LEU A 262 -3.45 -15.53 0.54
N LYS A 263 -2.80 -15.30 -0.60
CA LYS A 263 -3.18 -15.93 -1.86
C LYS A 263 -3.45 -17.42 -1.68
N ALA A 264 -2.56 -18.09 -0.96
CA ALA A 264 -2.65 -19.52 -0.76
C ALA A 264 -3.80 -19.91 0.18
N GLY A 265 -4.47 -18.91 0.74
CA GLY A 265 -5.68 -19.15 1.53
C GLY A 265 -5.49 -19.22 3.03
N GLU A 266 -4.27 -18.95 3.50
CA GLU A 266 -3.98 -19.00 4.93
C GLU A 266 -4.85 -18.03 5.71
N ARG A 267 -5.28 -18.46 6.89
CA ARG A 267 -6.14 -17.66 7.76
C ARG A 267 -5.36 -17.20 8.98
N LEU A 268 -5.72 -16.04 9.52
CA LEU A 268 -5.14 -15.57 10.77
C LEU A 268 -5.82 -16.27 11.95
N PRO A 269 -5.09 -16.45 13.06
CA PRO A 269 -3.70 -16.06 13.25
C PRO A 269 -2.75 -17.19 12.90
N GLN A 270 -1.50 -16.84 12.61
CA GLN A 270 -0.44 -17.83 12.42
C GLN A 270 0.71 -17.56 13.37
N ALA A 271 1.19 -18.60 14.04
CA ALA A 271 2.33 -18.48 14.93
C ALA A 271 3.43 -17.65 14.28
N ASP A 272 3.62 -17.85 12.99
CA ASP A 272 4.75 -17.26 12.29
C ASP A 272 4.30 -16.32 11.20
N TRP A 273 3.22 -15.59 11.43
CA TRP A 273 2.72 -14.69 10.40
C TRP A 273 3.73 -13.63 10.00
N GLY A 274 4.08 -13.59 8.72
CA GLY A 274 4.90 -12.52 8.19
C GLY A 274 6.40 -12.71 8.33
N TYR A 275 6.81 -13.83 8.92
CA TYR A 275 8.24 -14.11 9.09
C TYR A 275 8.97 -14.02 7.76
N ASP A 276 10.00 -13.19 7.73
CA ASP A 276 10.82 -13.00 6.55
C ASP A 276 12.20 -13.56 6.85
N MSE A 277 12.42 -14.81 6.46
CA MSE A 277 13.66 -15.45 6.85
CA MSE A 277 13.65 -15.55 6.74
C MSE A 277 14.84 -15.09 5.93
O MSE A 277 15.93 -15.66 6.04
CB MSE A 277 13.49 -16.97 7.00
CB MSE A 277 13.40 -17.03 6.43
CG MSE A 277 12.46 -17.39 8.06
CG MSE A 277 12.60 -17.25 5.16
SE MSE A 277 12.67 -16.65 9.87
SE MSE A 277 13.21 -18.78 4.12
CE MSE A 277 14.50 -17.21 10.23
CE MSE A 277 14.88 -18.04 3.43
N ARG A 278 14.64 -14.10 5.07
CA ARG A 278 15.71 -13.65 4.18
C ARG A 278 16.33 -12.32 4.61
N ASP A 279 17.13 -12.38 5.68
CA ASP A 279 17.69 -11.18 6.29
C ASP A 279 18.58 -10.37 5.36
N GLY A 280 18.56 -9.05 5.56
CA GLY A 280 19.47 -8.17 4.85
C GLY A 280 20.75 -8.05 5.63
N ILE A 281 21.68 -7.23 5.14
CA ILE A 281 23.01 -7.13 5.73
C ILE A 281 23.40 -5.70 6.01
N VAL A 282 23.88 -5.44 7.21
CA VAL A 282 24.36 -4.10 7.54
C VAL A 282 25.89 -4.02 7.47
N THR A 283 26.39 -2.94 6.88
CA THR A 283 27.83 -2.74 6.78
C THR A 283 28.20 -1.43 7.48
N LEU A 284 29.06 -1.53 8.48
CA LEU A 284 29.42 -0.35 9.25
C LEU A 284 30.91 -0.06 9.22
N SER A 285 31.25 1.23 9.21
CA SER A 285 32.62 1.67 9.29
C SER A 285 32.88 2.08 10.74
N HIS A 286 33.72 1.31 11.44
CA HIS A 286 33.95 1.58 12.86
C HIS A 286 35.25 2.33 13.11
N ASP A 287 36.38 1.72 12.76
CA ASP A 287 37.66 2.38 12.93
C ASP A 287 38.42 2.34 11.63
N ASN A 288 37.82 2.92 10.59
CA ASN A 288 38.40 2.86 9.26
C ASN A 288 38.41 1.43 8.74
N VAL A 289 37.65 0.58 9.42
CA VAL A 289 37.46 -0.79 8.97
C VAL A 289 35.98 -1.04 8.75
N LEU A 290 35.66 -1.78 7.68
CA LEU A 290 34.28 -2.13 7.39
C LEU A 290 33.95 -3.51 7.92
N THR A 291 32.99 -3.58 8.84
CA THR A 291 32.49 -4.83 9.35
C THR A 291 31.13 -5.04 8.71
N GLU A 292 30.59 -6.24 8.82
CA GLU A 292 29.24 -6.48 8.33
C GLU A 292 28.57 -7.64 9.05
N LYS A 293 27.25 -7.54 9.21
CA LYS A 293 26.46 -8.63 9.76
C LYS A 293 25.02 -8.53 9.31
N PRO A 294 24.28 -9.65 9.39
CA PRO A 294 22.88 -9.67 9.01
C PRO A 294 22.02 -8.97 10.04
N LEU A 295 21.04 -8.20 9.57
CA LEU A 295 20.10 -7.51 10.45
C LEU A 295 18.80 -8.28 10.53
N LEU A 296 18.43 -8.70 11.74
CA LEU A 296 17.19 -9.43 11.99
C LEU A 296 16.01 -8.70 11.36
N THR A 297 15.31 -9.36 10.45
CA THR A 297 14.17 -8.76 9.75
C THR A 297 12.87 -8.88 10.54
N LEU A 298 12.27 -7.75 10.92
CA LEU A 298 10.97 -7.80 11.55
C LEU A 298 9.94 -8.46 10.63
N PRO A 299 9.01 -9.22 11.22
CA PRO A 299 7.96 -9.85 10.42
C PRO A 299 7.00 -8.83 9.82
N GLY A 300 6.50 -9.13 8.61
CA GLY A 300 5.47 -8.31 7.99
C GLY A 300 4.26 -8.31 8.88
N ASN A 301 3.43 -7.28 8.81
CA ASN A 301 2.33 -7.15 9.75
C ASN A 301 1.15 -6.38 9.18
N TYR A 302 0.55 -6.92 8.12
CA TYR A 302 -0.55 -6.22 7.49
C TYR A 302 -1.71 -5.99 8.45
N PRO A 303 -1.96 -6.96 9.34
CA PRO A 303 -3.08 -6.83 10.30
C PRO A 303 -3.02 -5.54 11.11
N ALA A 304 -1.83 -4.98 11.28
CA ALA A 304 -1.70 -3.73 12.02
C ALA A 304 -2.61 -2.63 11.44
N TYR A 305 -2.86 -2.70 10.13
CA TYR A 305 -3.68 -1.69 9.45
C TYR A 305 -5.11 -1.70 9.97
N TYR A 306 -5.77 -2.84 9.87
CA TYR A 306 -7.16 -2.95 10.29
C TYR A 306 -7.33 -2.80 11.81
N ALA A 307 -6.37 -3.32 12.57
CA ALA A 307 -6.40 -3.10 14.00
C ALA A 307 -6.31 -1.60 14.25
N GLY A 308 -5.58 -0.92 13.37
CA GLY A 308 -5.45 0.53 13.45
C GLY A 308 -6.74 1.23 13.05
N ILE A 309 -7.39 0.69 12.03
CA ILE A 309 -8.68 1.23 11.60
C ILE A 309 -9.68 1.08 12.74
N ARG A 310 -9.81 -0.15 13.22
CA ARG A 310 -10.63 -0.43 14.38
C ARG A 310 -10.44 0.65 15.45
N ASP A 311 -9.21 0.77 15.94
CA ASP A 311 -8.93 1.67 17.04
C ASP A 311 -9.21 3.14 16.73
N ALA A 312 -9.08 3.52 15.46
CA ALA A 312 -9.38 4.89 15.04
C ALA A 312 -10.88 5.16 15.08
N ILE A 313 -11.68 4.21 14.60
CA ILE A 313 -13.13 4.32 14.65
C ILE A 313 -13.57 4.61 16.09
N TRP A 314 -13.09 3.79 17.02
CA TRP A 314 -13.46 3.93 18.42
C TRP A 314 -12.84 5.18 19.05
N GLY A 315 -12.06 5.90 18.26
CA GLY A 315 -11.49 7.18 18.68
C GLY A 315 -10.28 7.01 19.59
N THR A 316 -9.76 5.79 19.67
CA THR A 316 -8.63 5.50 20.55
C THR A 316 -7.28 5.98 19.99
N ALA A 317 -7.11 5.88 18.68
CA ALA A 317 -5.82 6.17 18.05
C ALA A 317 -5.97 6.79 16.66
N PRO A 318 -4.85 7.31 16.12
CA PRO A 318 -4.80 8.03 14.84
C PRO A 318 -5.07 7.14 13.63
N ASN A 319 -5.81 7.68 12.65
CA ASN A 319 -6.02 7.02 11.38
C ASN A 319 -4.68 6.50 10.84
N PRO A 320 -4.60 5.19 10.56
CA PRO A 320 -3.34 4.56 10.12
C PRO A 320 -2.82 5.16 8.82
N VAL A 321 -3.74 5.55 7.93
CA VAL A 321 -3.39 6.18 6.68
C VAL A 321 -4.47 7.20 6.30
N PRO A 322 -4.26 8.46 6.68
CA PRO A 322 -5.18 9.53 6.36
C PRO A 322 -5.28 9.75 4.86
N ALA A 323 -6.47 10.13 4.39
CA ALA A 323 -6.68 10.49 3.00
C ALA A 323 -5.64 11.51 2.59
N THR A 324 -5.42 12.50 3.46
CA THR A 324 -4.38 13.51 3.27
C THR A 324 -3.11 12.94 2.63
N GLU A 325 -2.62 11.85 3.21
CA GLU A 325 -1.35 11.27 2.79
C GLU A 325 -1.48 10.51 1.48
N ALA A 326 -2.66 9.94 1.26
CA ALA A 326 -2.92 9.23 0.01
C ALA A 326 -2.93 10.23 -1.13
N ILE A 327 -3.57 11.36 -0.88
CA ILE A 327 -3.68 12.42 -1.89
C ILE A 327 -2.30 12.95 -2.30
N LYS A 328 -1.41 13.11 -1.34
CA LYS A 328 -0.03 13.51 -1.65
C LYS A 328 0.67 12.51 -2.56
N VAL A 329 0.46 11.22 -2.31
CA VAL A 329 1.07 10.18 -3.13
C VAL A 329 0.48 10.22 -4.53
N MSE A 330 -0.82 10.46 -4.59
CA MSE A 330 -1.55 10.56 -5.82
C MSE A 330 -1.03 11.74 -6.66
O MSE A 330 -0.93 11.65 -7.88
CB MSE A 330 -3.01 10.76 -5.50
CG MSE A 330 -3.97 10.05 -6.40
SE MSE A 330 -5.73 10.02 -5.53
CE MSE A 330 -6.81 10.19 -7.15
N GLU A 331 -0.70 12.83 -5.98
CA GLU A 331 -0.15 14.01 -6.64
C GLU A 331 1.18 13.70 -7.32
N LEU A 332 2.01 12.94 -6.63
CA LEU A 332 3.30 12.55 -7.17
C LEU A 332 3.15 11.56 -8.32
N ILE A 333 2.10 10.74 -8.28
CA ILE A 333 1.84 9.84 -9.38
C ILE A 333 1.59 10.65 -10.63
N GLU A 334 0.76 11.68 -10.53
CA GLU A 334 0.50 12.54 -11.68
C GLU A 334 1.75 13.29 -12.08
N LEU A 335 2.49 13.79 -11.10
CA LEU A 335 3.70 14.56 -11.37
C LEU A 335 4.72 13.69 -12.10
N GLY A 336 4.71 12.39 -11.83
CA GLY A 336 5.58 11.45 -12.51
C GLY A 336 5.25 11.42 -14.00
N ILE A 337 3.96 11.33 -14.30
CA ILE A 337 3.47 11.36 -15.68
C ILE A 337 3.90 12.63 -16.39
N ALA A 338 3.70 13.77 -15.74
CA ALA A 338 4.07 15.05 -16.33
C ALA A 338 5.58 15.08 -16.56
N SER A 339 6.33 14.74 -15.51
CA SER A 339 7.79 14.74 -15.57
C SER A 339 8.28 13.87 -16.73
N ASP A 340 7.62 12.74 -16.93
CA ASP A 340 7.99 11.85 -18.01
C ASP A 340 7.68 12.48 -19.36
N GLN A 341 6.54 13.16 -19.45
CA GLN A 341 6.15 13.81 -20.68
C GLN A 341 7.16 14.88 -21.08
N GLN A 342 7.68 15.59 -20.09
CA GLN A 342 8.62 16.68 -20.35
C GLN A 342 10.07 16.22 -20.25
N LYS A 343 10.28 15.00 -19.79
CA LYS A 343 11.63 14.53 -19.50
C LYS A 343 12.34 15.58 -18.65
N LYS A 344 11.67 16.04 -17.61
CA LYS A 344 12.27 16.98 -16.66
C LYS A 344 12.07 16.49 -15.25
N ALA A 345 12.99 16.86 -14.37
CA ALA A 345 12.75 16.76 -12.95
C ALA A 345 11.86 17.96 -12.60
N LEU A 346 10.61 17.68 -12.25
CA LEU A 346 9.66 18.74 -11.93
C LEU A 346 9.62 18.98 -10.42
N PRO A 347 9.34 20.24 -10.02
CA PRO A 347 9.32 20.58 -8.61
C PRO A 347 7.98 20.28 -7.96
N ILE A 348 8.03 19.85 -6.70
CA ILE A 348 6.84 19.73 -5.86
C ILE A 348 6.45 21.12 -5.37
N ILE A 349 5.16 21.45 -5.46
CA ILE A 349 4.69 22.77 -5.07
C ILE A 349 3.40 22.71 -4.24
N ALA A 350 2.89 23.90 -3.89
CA ALA A 350 1.58 24.05 -3.22
C ALA A 350 1.48 23.31 -1.88
N LYS A 351 2.42 23.57 -0.99
CA LYS A 351 2.42 22.94 0.32
C LYS A 351 1.87 23.88 1.41
N ASN A 352 0.73 23.50 1.98
CA ASN A 352 0.06 24.28 3.02
C ASN A 352 0.28 25.79 2.91
CL CL B . 23.09 17.73 -3.18
#